data_2ITL
#
_entry.id   2ITL
#
_cell.length_a   83.196
_cell.length_b   64.096
_cell.length_c   79.177
_cell.angle_alpha   90.00
_cell.angle_beta   120.69
_cell.angle_gamma   90.00
#
_symmetry.space_group_name_H-M   'C 1 2 1'
#
loop_
_entity.id
_entity.type
_entity.pdbx_description
1 polymer '24-nt PEN element of the SV40 DNA origin'
2 polymer '24-nt PEN element of the SV40 DNA origin'
3 polymer 'large T antigen'
4 water water
#
loop_
_entity_poly.entity_id
_entity_poly.type
_entity_poly.pdbx_seq_one_letter_code
_entity_poly.pdbx_strand_id
1 'polydeoxyribonucleotide'
;(DA)(DG)(DA)(DG)(DG)(DC)(DC)(DG)(DA)(DG)(DG)(DC)(DG)(DG)(DC)(DC)(DT)(DC)(DG)(DG)
(DC)(DC)(DT)(DC)
;
W
2 'polydeoxyribonucleotide'
;(DA)(DG)(DA)(DG)(DG)(DC)(DC)(DG)(DA)(DG)(DG)(DC)(DC)(DG)(DC)(DC)(DT)(DC)(DG)(DG)
(DC)(DC)(DT)(DC)
;
C
3 'polypeptide(L)'
;GSHMKVEDPKDFPSELLSFLSHAVFSNRTLACFAIYTTKEKAALLYKKIMEKYSVTFISRHNSYNHNILFFLTPHRHRVS
AINNYAQKLCTFSFLICKGVNKEYLMYSALTRDPFSVIEESLPGGLKEHDFNP
;
A,B
#
# COMPACT_ATOMS: atom_id res chain seq x y z
N ASP C 8 3.42 7.40 20.12
CA ASP C 8 4.61 6.86 19.37
C ASP C 8 5.68 7.90 19.12
N PRO C 9 6.96 7.48 19.19
CA PRO C 9 8.07 8.41 19.04
C PRO C 9 7.98 9.13 17.68
N LYS C 10 8.42 10.38 17.62
CA LYS C 10 8.46 11.09 16.35
C LYS C 10 9.87 11.15 15.75
N ASP C 11 10.87 10.76 16.55
CA ASP C 11 12.26 10.72 16.12
C ASP C 11 12.96 9.68 17.01
N PHE C 12 14.24 9.42 16.74
CA PHE C 12 15.09 8.64 17.66
C PHE C 12 15.23 9.31 19.05
N PRO C 13 15.64 8.53 20.08
CA PRO C 13 15.93 9.10 21.38
C PRO C 13 16.92 10.27 21.28
N SER C 14 16.67 11.33 22.05
CA SER C 14 17.48 12.53 22.01
C SER C 14 18.95 12.27 22.14
N GLU C 15 19.30 11.26 22.92
CA GLU C 15 20.70 10.97 23.18
C GLU C 15 21.46 10.38 21.98
N LEU C 16 20.72 9.94 20.96
CA LEU C 16 21.31 9.37 19.74
C LEU C 16 21.33 10.33 18.54
N LEU C 17 20.52 11.38 18.63
CA LEU C 17 20.41 12.30 17.51
C LEU C 17 21.69 12.89 16.97
N SER C 18 22.70 13.15 17.82
CA SER C 18 23.93 13.74 17.29
C SER C 18 24.76 12.77 16.39
N PHE C 19 24.41 11.49 16.37
CA PHE C 19 25.12 10.48 15.58
C PHE C 19 24.45 10.27 14.23
N LEU C 20 23.26 10.82 14.08
CA LEU C 20 22.44 10.47 12.94
C LEU C 20 22.51 11.61 11.93
N SER C 21 22.26 11.28 10.68
CA SER C 21 22.05 12.30 9.68
C SER C 21 20.61 12.79 9.79
N HIS C 22 20.49 14.12 9.71
CA HIS C 22 19.17 14.73 9.67
C HIS C 22 18.87 15.31 8.27
N ALA C 23 19.76 15.03 7.29
CA ALA C 23 19.60 15.49 5.91
C ALA C 23 18.28 15.06 5.36
N VAL C 24 17.54 16.00 4.73
CA VAL C 24 16.33 15.62 4.03
C VAL C 24 16.34 16.05 2.56
N PHE C 25 17.27 16.87 2.17
CA PHE C 25 17.32 17.38 0.78
C PHE C 25 18.52 16.84 0.02
N SER C 26 19.10 15.76 0.51
CA SER C 26 20.34 15.21 -0.05
C SER C 26 20.05 13.88 -0.80
N ASN C 27 20.75 13.69 -1.92
CA ASN C 27 20.79 12.37 -2.54
C ASN C 27 22.09 11.61 -2.24
N ARG C 28 22.86 12.07 -1.26
CA ARG C 28 24.04 11.33 -0.84
C ARG C 28 23.64 9.94 -0.41
N THR C 29 24.43 8.96 -0.84
CA THR C 29 24.16 7.59 -0.38
C THR C 29 25.16 7.20 0.74
N LEU C 30 24.70 6.34 1.64
CA LEU C 30 25.63 5.86 2.64
C LEU C 30 25.49 4.41 2.94
N ALA C 31 26.16 3.98 3.99
CA ALA C 31 26.27 2.54 4.19
C ALA C 31 26.02 2.14 5.63
N CYS C 32 25.39 3.03 6.39
CA CYS C 32 25.03 2.70 7.75
C CYS C 32 23.71 3.39 8.04
N PHE C 33 22.80 2.63 8.64
CA PHE C 33 21.41 3.07 8.86
C PHE C 33 20.89 2.59 10.17
N ALA C 34 19.84 3.27 10.64
CA ALA C 34 19.15 2.80 11.87
C ALA C 34 17.67 2.94 11.66
N ILE C 35 16.90 2.06 12.29
CA ILE C 35 15.45 2.10 12.17
C ILE C 35 14.89 2.02 13.58
N TYR C 36 13.92 2.88 13.89
CA TYR C 36 13.23 2.91 15.22
C TYR C 36 11.85 2.44 14.94
N THR C 37 11.43 1.39 15.64
CA THR C 37 10.12 0.82 15.32
C THR C 37 9.67 -0.06 16.50
N THR C 38 8.61 -0.80 16.28
CA THR C 38 8.05 -1.66 17.34
C THR C 38 8.91 -2.91 17.49
N LYS C 39 8.84 -3.58 18.63
CA LYS C 39 9.47 -4.91 18.80
C LYS C 39 9.10 -5.87 17.68
N GLU C 40 7.80 -5.96 17.38
CA GLU C 40 7.30 -6.86 16.35
C GLU C 40 7.89 -6.59 14.96
N LYS C 41 7.92 -5.31 14.56
CA LYS C 41 8.38 -4.97 13.23
C LYS C 41 9.90 -5.04 13.14
N ALA C 42 10.58 -4.78 14.25
CA ALA C 42 12.06 -4.83 14.24
C ALA C 42 12.51 -6.28 14.18
N ALA C 43 11.76 -7.17 14.81
CA ALA C 43 12.12 -8.58 14.74
C ALA C 43 11.99 -9.11 13.31
N LEU C 44 10.91 -8.73 12.66
CA LEU C 44 10.70 -9.08 11.27
C LEU C 44 11.78 -8.45 10.38
N LEU C 45 11.95 -7.14 10.51
CA LEU C 45 12.90 -6.42 9.66
C LEU C 45 14.35 -6.88 9.84
N TYR C 46 14.70 -7.30 11.04
CA TYR C 46 16.03 -7.83 11.29
C TYR C 46 16.43 -8.85 10.21
N LYS C 47 15.56 -9.82 9.96
CA LYS C 47 15.87 -10.85 9.00
C LYS C 47 15.63 -10.36 7.55
N LYS C 48 14.60 -9.53 7.34
CA LYS C 48 14.28 -9.06 5.99
C LYS C 48 15.38 -8.11 5.49
N ILE C 49 15.78 -7.16 6.33
CA ILE C 49 16.89 -6.25 5.96
C ILE C 49 18.21 -7.03 5.76
N MET C 50 18.47 -8.00 6.64
CA MET C 50 19.70 -8.75 6.52
C MET C 50 19.86 -9.33 5.13
N GLU C 51 18.77 -9.92 4.64
CA GLU C 51 18.72 -10.59 3.37
C GLU C 51 18.65 -9.61 2.21
N LYS C 52 17.80 -8.59 2.33
CA LYS C 52 17.51 -7.66 1.22
C LYS C 52 18.80 -6.93 0.84
N TYR C 53 19.54 -6.49 1.86
CA TYR C 53 20.73 -5.67 1.58
C TYR C 53 22.04 -6.38 1.81
N SER C 54 22.00 -7.69 2.08
CA SER C 54 23.26 -8.43 2.27
C SER C 54 24.15 -7.77 3.28
N VAL C 55 23.55 -7.40 4.44
CA VAL C 55 24.28 -6.56 5.38
C VAL C 55 25.58 -7.19 5.82
N THR C 56 26.55 -6.33 6.01
CA THR C 56 27.83 -6.75 6.64
C THR C 56 27.64 -7.01 8.14
N PHE C 57 26.72 -6.27 8.76
CA PHE C 57 26.38 -6.39 10.17
C PHE C 57 24.98 -5.81 10.40
N ILE C 58 24.22 -6.48 11.28
CA ILE C 58 22.95 -5.91 11.76
C ILE C 58 22.77 -6.28 13.23
N SER C 59 22.23 -5.35 13.99
CA SER C 59 21.95 -5.61 15.40
C SER C 59 20.59 -5.01 15.72
N ARG C 60 19.91 -5.62 16.68
CA ARG C 60 18.59 -5.18 17.15
C ARG C 60 18.73 -4.84 18.64
N HIS C 61 18.11 -3.72 19.05
CA HIS C 61 18.35 -3.19 20.39
C HIS C 61 17.04 -2.79 21.05
N ASN C 62 16.96 -2.96 22.37
CA ASN C 62 15.87 -2.34 23.14
C ASN C 62 16.07 -0.84 23.23
N SER C 63 14.96 -0.10 23.02
CA SER C 63 14.93 1.35 23.17
C SER C 63 13.59 1.82 23.74
N TYR C 64 13.56 2.05 25.06
CA TYR C 64 12.37 2.64 25.71
C TYR C 64 11.09 1.94 25.26
N ASN C 65 11.04 0.62 25.44
CA ASN C 65 9.94 -0.25 25.01
C ASN C 65 9.61 -0.40 23.52
N HIS C 66 10.50 0.08 22.66
CA HIS C 66 10.41 -0.14 21.23
C HIS C 66 11.72 -0.82 20.89
N ASN C 67 12.02 -0.95 19.61
CA ASN C 67 13.33 -1.47 19.22
C ASN C 67 14.04 -0.54 18.24
N ILE C 68 15.38 -0.58 18.25
CA ILE C 68 16.18 0.03 17.19
C ILE C 68 17.01 -1.03 16.44
N LEU C 69 16.99 -0.96 15.11
CA LEU C 69 17.87 -1.77 14.27
C LEU C 69 19.02 -0.89 13.81
N PHE C 70 20.22 -1.46 13.80
CA PHE C 70 21.39 -0.76 13.41
C PHE C 70 22.04 -1.66 12.35
N PHE C 71 22.41 -1.10 11.19
CA PHE C 71 23.03 -2.01 10.19
C PHE C 71 23.97 -1.31 9.26
N LEU C 72 24.98 -2.07 8.83
CA LEU C 72 25.96 -1.66 7.84
C LEU C 72 25.73 -2.45 6.54
N THR C 73 25.81 -1.75 5.41
CA THR C 73 25.53 -2.42 4.13
C THR C 73 26.82 -2.48 3.28
N PRO C 74 27.01 -3.53 2.45
CA PRO C 74 28.22 -3.66 1.64
C PRO C 74 28.26 -2.69 0.45
N HIS C 75 27.08 -2.23 0.02
CA HIS C 75 27.05 -1.13 -0.97
C HIS C 75 26.23 0.03 -0.42
N ARG C 76 26.35 1.17 -1.08
CA ARG C 76 25.69 2.40 -0.60
C ARG C 76 24.25 2.51 -1.00
N HIS C 77 23.46 3.19 -0.15
CA HIS C 77 22.04 3.39 -0.46
C HIS C 77 21.61 4.77 0.01
N ARG C 78 20.64 5.33 -0.68
CA ARG C 78 19.92 6.52 -0.18
C ARG C 78 19.12 6.12 1.04
N VAL C 79 19.10 7.01 2.03
CA VAL C 79 18.16 6.78 3.19
C VAL C 79 16.74 6.56 2.68
N SER C 80 16.32 7.35 1.68
CA SER C 80 14.96 7.23 1.17
C SER C 80 14.65 5.82 0.66
N ALA C 81 15.67 5.17 0.09
CA ALA C 81 15.49 3.79 -0.42
C ALA C 81 15.27 2.82 0.73
N ILE C 82 16.10 2.92 1.77
CA ILE C 82 15.95 2.03 2.91
C ILE C 82 14.59 2.26 3.58
N ASN C 83 14.24 3.53 3.67
CA ASN C 83 12.95 3.91 4.24
C ASN C 83 11.81 3.34 3.43
N ASN C 84 11.88 3.48 2.10
CA ASN C 84 10.79 2.98 1.21
C ASN C 84 10.58 1.49 1.39
N TYR C 85 11.68 0.77 1.55
CA TYR C 85 11.62 -0.68 1.77
C TYR C 85 10.96 -1.01 3.10
N ALA C 86 11.48 -0.40 4.16
CA ALA C 86 11.03 -0.66 5.51
C ALA C 86 9.57 -0.24 5.67
N GLN C 87 9.18 0.91 5.13
CA GLN C 87 7.77 1.38 5.26
C GLN C 87 6.74 0.45 4.59
N LYS C 88 7.12 -0.22 3.52
CA LYS C 88 6.21 -1.20 2.90
C LYS C 88 5.87 -2.37 3.83
N LEU C 89 6.80 -2.72 4.71
CA LEU C 89 6.62 -3.84 5.62
C LEU C 89 6.18 -3.40 7.02
N CYS C 90 5.79 -2.13 7.15
CA CYS C 90 5.35 -1.56 8.43
C CYS C 90 4.24 -0.58 8.15
N THR C 91 3.23 -1.06 7.45
CA THR C 91 1.96 -0.36 7.39
C THR C 91 1.27 -0.55 8.75
N PHE C 92 0.78 0.56 9.29
CA PHE C 92 0.02 0.62 10.57
C PHE C 92 0.82 0.65 11.88
N SER C 93 2.16 0.58 11.83
CA SER C 93 3.02 0.76 13.04
C SER C 93 4.05 1.86 12.75
N PHE C 94 4.55 2.55 13.79
CA PHE C 94 5.49 3.66 13.54
C PHE C 94 6.80 3.11 13.04
N LEU C 95 7.47 3.91 12.21
CA LEU C 95 8.82 3.54 11.79
C LEU C 95 9.57 4.78 11.38
N ILE C 96 10.75 4.96 11.98
CA ILE C 96 11.61 6.09 11.66
C ILE C 96 12.93 5.49 11.15
N CYS C 97 13.34 5.91 9.97
CA CYS C 97 14.57 5.39 9.36
C CYS C 97 15.51 6.56 9.08
N LYS C 98 16.74 6.50 9.60
CA LYS C 98 17.74 7.54 9.38
C LYS C 98 19.08 6.98 8.98
N GLY C 99 19.85 7.76 8.23
CA GLY C 99 21.25 7.39 8.04
C GLY C 99 22.03 7.69 9.28
N VAL C 100 23.07 6.88 9.47
CA VAL C 100 23.96 7.08 10.59
C VAL C 100 25.29 7.60 10.12
N ASN C 101 25.66 8.79 10.60
CA ASN C 101 26.95 9.45 10.33
C ASN C 101 28.08 8.90 11.23
N LYS C 102 27.85 8.92 12.53
CA LYS C 102 28.88 8.55 13.56
C LYS C 102 28.60 7.07 13.92
N GLU C 103 29.10 6.20 13.09
CA GLU C 103 28.71 4.81 13.12
C GLU C 103 29.11 4.09 14.43
N TYR C 104 30.37 4.24 14.80
CA TYR C 104 30.87 3.67 16.03
C TYR C 104 30.16 4.23 17.24
N LEU C 105 30.01 5.56 17.29
CA LEU C 105 29.38 6.18 18.45
C LEU C 105 27.93 5.72 18.58
N MET C 106 27.24 5.58 17.44
CA MET C 106 25.87 5.09 17.47
C MET C 106 25.77 3.64 18.00
N TYR C 107 26.60 2.76 17.45
CA TYR C 107 26.54 1.38 17.83
C TYR C 107 26.91 1.25 19.32
N SER C 108 27.96 1.94 19.73
CA SER C 108 28.41 1.85 21.14
C SER C 108 27.35 2.39 22.11
N ALA C 109 26.74 3.54 21.78
CA ALA C 109 25.64 4.04 22.55
C ALA C 109 24.56 2.97 22.65
N LEU C 110 24.31 2.24 21.55
CA LEU C 110 23.21 1.30 21.51
C LEU C 110 23.47 0.02 22.32
N THR C 111 24.69 -0.15 22.78
CA THR C 111 25.02 -1.35 23.54
C THR C 111 25.07 -1.10 25.04
N ARG C 112 24.88 0.16 25.41
CA ARG C 112 25.03 0.64 26.80
C ARG C 112 23.74 1.28 27.26
N ASP C 113 23.46 1.25 28.58
CA ASP C 113 22.15 1.71 29.06
C ASP C 113 21.90 3.17 28.58
N PRO C 114 20.65 3.53 28.31
CA PRO C 114 19.44 2.76 28.57
C PRO C 114 19.09 1.75 27.52
N PHE C 115 19.98 1.53 26.54
CA PHE C 115 19.74 0.56 25.47
C PHE C 115 20.53 -0.70 25.71
N SER C 116 20.08 -1.74 25.04
CA SER C 116 20.75 -3.02 25.11
C SER C 116 20.55 -3.82 23.84
N VAL C 117 21.49 -4.72 23.60
CA VAL C 117 21.40 -5.67 22.50
C VAL C 117 20.35 -6.78 22.70
N ILE C 118 19.52 -7.00 21.70
CA ILE C 118 18.63 -8.13 21.71
C ILE C 118 19.25 -9.28 20.91
N GLU C 119 19.78 -8.98 19.72
CA GLU C 119 20.44 -9.98 18.87
C GLU C 119 21.36 -9.21 17.93
N GLU C 120 22.44 -9.86 17.50
CA GLU C 120 23.24 -9.26 16.46
C GLU C 120 23.81 -10.35 15.58
N SER C 121 24.20 -9.97 14.37
CA SER C 121 24.57 -10.94 13.32
C SER C 121 26.01 -11.49 13.44
N LEU C 122 26.84 -10.95 14.31
CA LEU C 122 28.20 -11.44 14.51
C LEU C 122 28.45 -11.58 15.99
N PRO C 123 28.95 -12.75 16.39
CA PRO C 123 29.19 -12.91 17.82
C PRO C 123 30.17 -11.91 18.38
N GLY C 124 29.80 -11.33 19.52
CA GLY C 124 30.62 -10.31 20.17
C GLY C 124 30.49 -8.89 19.59
N GLY C 125 29.66 -8.74 18.56
CA GLY C 125 29.40 -7.41 17.98
C GLY C 125 30.62 -6.80 17.30
N LEU C 126 30.63 -5.47 17.21
CA LEU C 126 31.75 -4.74 16.59
C LEU C 126 32.64 -4.00 17.59
N LYS C 127 33.84 -3.63 17.15
CA LYS C 127 34.78 -2.88 18.01
C LYS C 127 35.36 -1.66 17.29
N PRO D 9 -17.90 -13.13 -3.57
CA PRO D 9 -18.01 -13.50 -4.98
C PRO D 9 -16.71 -13.23 -5.74
N LYS D 10 -16.43 -14.02 -6.77
CA LYS D 10 -15.18 -13.91 -7.50
C LYS D 10 -15.36 -13.49 -8.96
N ASP D 11 -16.62 -13.41 -9.40
CA ASP D 11 -16.96 -12.85 -10.71
C ASP D 11 -18.34 -12.21 -10.69
N PHE D 12 -18.70 -11.57 -11.80
CA PHE D 12 -20.01 -10.98 -11.94
C PHE D 12 -21.09 -12.07 -12.02
N PRO D 13 -22.37 -11.73 -11.73
CA PRO D 13 -23.46 -12.68 -11.90
C PRO D 13 -23.35 -13.36 -13.24
N SER D 14 -23.44 -14.69 -13.23
CA SER D 14 -23.11 -15.49 -14.41
C SER D 14 -23.88 -15.14 -15.68
N GLU D 15 -24.98 -14.40 -15.54
CA GLU D 15 -25.81 -14.03 -16.68
C GLU D 15 -25.51 -12.64 -17.26
N LEU D 16 -24.50 -11.98 -16.69
CA LEU D 16 -24.07 -10.67 -17.18
C LEU D 16 -22.78 -10.79 -17.97
N LEU D 17 -22.14 -11.94 -17.83
CA LEU D 17 -20.78 -12.17 -18.33
C LEU D 17 -20.56 -11.99 -19.84
N SER D 18 -21.62 -12.05 -20.63
CA SER D 18 -21.50 -11.94 -22.08
C SER D 18 -21.62 -10.48 -22.52
N PHE D 19 -21.94 -9.61 -21.56
CA PHE D 19 -22.05 -8.19 -21.83
C PHE D 19 -20.69 -7.53 -21.60
N LEU D 20 -19.79 -8.27 -20.93
CA LEU D 20 -18.55 -7.74 -20.38
C LEU D 20 -17.40 -8.08 -21.28
N SER D 21 -16.38 -7.22 -21.26
CA SER D 21 -15.10 -7.54 -21.88
C SER D 21 -14.46 -8.64 -21.05
N HIS D 22 -13.98 -9.66 -21.74
CA HIS D 22 -13.21 -10.74 -21.14
C HIS D 22 -11.73 -10.69 -21.56
N ALA D 23 -11.19 -9.48 -21.54
CA ALA D 23 -9.78 -9.26 -21.86
C ALA D 23 -8.89 -9.45 -20.63
N VAL D 24 -7.70 -10.01 -20.82
CA VAL D 24 -6.69 -10.20 -19.79
C VAL D 24 -5.36 -9.50 -20.10
N PHE D 25 -5.01 -9.50 -21.38
CA PHE D 25 -3.68 -9.14 -21.85
C PHE D 25 -3.74 -7.93 -22.78
N SER D 26 -4.87 -7.21 -22.75
CA SER D 26 -5.12 -6.11 -23.68
C SER D 26 -4.82 -4.77 -23.03
N ASN D 27 -4.24 -3.86 -23.81
CA ASN D 27 -4.10 -2.49 -23.35
C ASN D 27 -5.22 -1.61 -23.91
N ARG D 28 -6.25 -2.24 -24.49
CA ARG D 28 -7.41 -1.54 -25.05
C ARG D 28 -8.13 -0.72 -24.01
N THR D 29 -8.48 0.51 -24.35
CA THR D 29 -9.22 1.35 -23.42
C THR D 29 -10.69 1.38 -23.90
N LEU D 30 -11.58 1.68 -22.95
CA LEU D 30 -13.02 1.81 -23.21
C LEU D 30 -13.73 2.86 -22.36
N ALA D 31 -15.05 2.99 -22.55
CA ALA D 31 -15.73 4.12 -21.91
C ALA D 31 -17.02 3.72 -21.21
N CYS D 32 -17.16 2.41 -21.01
CA CYS D 32 -18.19 1.81 -20.19
C CYS D 32 -17.64 0.75 -19.25
N PHE D 33 -17.99 0.86 -17.97
CA PHE D 33 -17.51 -0.07 -16.99
C PHE D 33 -18.59 -0.55 -16.03
N ALA D 34 -18.29 -1.66 -15.37
CA ALA D 34 -19.13 -2.14 -14.28
C ALA D 34 -18.34 -2.55 -13.04
N ILE D 35 -18.87 -2.26 -11.87
CA ILE D 35 -18.22 -2.68 -10.64
C ILE D 35 -19.22 -3.51 -9.82
N TYR D 36 -18.73 -4.63 -9.33
CA TYR D 36 -19.49 -5.52 -8.43
C TYR D 36 -18.84 -5.40 -7.09
N THR D 37 -19.61 -4.90 -6.11
CA THR D 37 -19.03 -4.71 -4.80
C THR D 37 -20.15 -4.77 -3.73
N THR D 38 -19.76 -4.50 -2.50
CA THR D 38 -20.68 -4.44 -1.34
C THR D 38 -21.57 -3.18 -1.41
N LYS D 39 -22.70 -3.21 -0.70
CA LYS D 39 -23.64 -2.09 -0.69
C LYS D 39 -23.01 -0.77 -0.24
N GLU D 40 -22.18 -0.87 0.81
CA GLU D 40 -21.44 0.24 1.40
C GLU D 40 -20.48 0.87 0.40
N LYS D 41 -19.67 0.02 -0.24
CA LYS D 41 -18.72 0.47 -1.26
C LYS D 41 -19.40 0.97 -2.52
N ALA D 42 -20.52 0.39 -2.92
CA ALA D 42 -21.25 0.87 -4.11
C ALA D 42 -21.88 2.24 -3.91
N ALA D 43 -22.43 2.47 -2.72
CA ALA D 43 -22.90 3.81 -2.37
C ALA D 43 -21.76 4.83 -2.39
N LEU D 44 -20.63 4.49 -1.80
CA LEU D 44 -19.45 5.35 -1.78
C LEU D 44 -18.88 5.60 -3.17
N LEU D 45 -18.73 4.51 -3.93
CA LEU D 45 -18.07 4.58 -5.24
C LEU D 45 -18.97 5.25 -6.25
N TYR D 46 -20.30 5.09 -6.13
CA TYR D 46 -21.19 5.76 -7.06
C TYR D 46 -20.79 7.24 -7.16
N LYS D 47 -20.61 7.88 -6.02
CA LYS D 47 -20.34 9.31 -5.94
C LYS D 47 -18.87 9.62 -6.36
N LYS D 48 -17.94 8.82 -5.84
CA LYS D 48 -16.49 8.94 -6.09
C LYS D 48 -16.16 8.76 -7.56
N ILE D 49 -16.73 7.72 -8.18
CA ILE D 49 -16.50 7.46 -9.61
C ILE D 49 -17.10 8.60 -10.44
N MET D 50 -18.23 9.12 -9.98
CA MET D 50 -18.90 10.17 -10.75
C MET D 50 -17.98 11.38 -10.88
N GLU D 51 -17.35 11.75 -9.79
CA GLU D 51 -16.50 12.92 -9.70
C GLU D 51 -15.11 12.68 -10.32
N LYS D 52 -14.55 11.52 -10.04
CA LYS D 52 -13.21 11.19 -10.54
C LYS D 52 -13.18 11.12 -12.06
N TYR D 53 -14.17 10.45 -12.64
CA TYR D 53 -14.19 10.22 -14.06
C TYR D 53 -15.17 11.08 -14.83
N SER D 54 -15.70 12.10 -14.13
CA SER D 54 -16.66 13.06 -14.71
C SER D 54 -17.66 12.29 -15.57
N VAL D 55 -18.30 11.28 -14.99
CA VAL D 55 -19.09 10.33 -15.77
C VAL D 55 -20.24 11.04 -16.45
N THR D 56 -20.60 10.55 -17.63
CA THR D 56 -21.73 11.11 -18.36
C THR D 56 -23.00 10.48 -17.79
N PHE D 57 -22.88 9.23 -17.32
CA PHE D 57 -23.99 8.51 -16.72
C PHE D 57 -23.45 7.44 -15.75
N ILE D 58 -24.08 7.36 -14.58
CA ILE D 58 -23.81 6.27 -13.64
C ILE D 58 -25.15 5.77 -13.06
N SER D 59 -25.30 4.45 -13.02
CA SER D 59 -26.42 3.80 -12.32
C SER D 59 -25.93 2.81 -11.27
N ARG D 60 -26.68 2.71 -10.16
CA ARG D 60 -26.42 1.72 -9.10
C ARG D 60 -27.59 0.74 -9.05
N HIS D 61 -27.28 -0.54 -8.91
CA HIS D 61 -28.26 -1.62 -9.04
C HIS D 61 -28.11 -2.62 -7.91
N ASN D 62 -29.22 -3.29 -7.58
CA ASN D 62 -29.22 -4.45 -6.71
C ASN D 62 -28.86 -5.68 -7.49
N SER D 63 -28.09 -6.57 -6.87
CA SER D 63 -27.68 -7.81 -7.51
C SER D 63 -27.32 -8.81 -6.42
N TYR D 64 -28.23 -9.75 -6.15
CA TYR D 64 -27.99 -10.88 -5.23
C TYR D 64 -27.36 -10.47 -3.91
N ASN D 65 -27.99 -9.51 -3.23
CA ASN D 65 -27.49 -9.01 -1.94
C ASN D 65 -26.17 -8.23 -1.99
N HIS D 66 -25.73 -7.91 -3.21
CA HIS D 66 -24.63 -6.96 -3.43
C HIS D 66 -25.13 -5.89 -4.39
N ASN D 67 -24.24 -4.99 -4.81
CA ASN D 67 -24.64 -3.94 -5.74
C ASN D 67 -23.78 -3.97 -6.99
N ILE D 68 -24.31 -3.47 -8.09
CA ILE D 68 -23.53 -3.20 -9.30
C ILE D 68 -23.61 -1.72 -9.63
N LEU D 69 -22.45 -1.15 -9.96
CA LEU D 69 -22.38 0.19 -10.53
C LEU D 69 -22.15 -0.01 -12.01
N PHE D 70 -22.81 0.80 -12.83
CA PHE D 70 -22.71 0.79 -14.29
C PHE D 70 -22.39 2.22 -14.70
N PHE D 71 -21.34 2.46 -15.47
CA PHE D 71 -21.07 3.87 -15.79
C PHE D 71 -20.44 4.08 -17.17
N LEU D 72 -20.76 5.22 -17.76
CA LEU D 72 -20.16 5.70 -19.00
C LEU D 72 -19.29 6.88 -18.67
N THR D 73 -18.08 6.93 -19.26
CA THR D 73 -17.17 8.05 -19.08
C THR D 73 -17.06 8.88 -20.38
N PRO D 74 -16.79 10.20 -20.25
CA PRO D 74 -16.58 11.03 -21.46
C PRO D 74 -15.28 10.74 -22.23
N HIS D 75 -14.27 10.16 -21.54
CA HIS D 75 -13.01 9.75 -22.18
C HIS D 75 -12.78 8.26 -21.92
N ARG D 76 -11.88 7.64 -22.68
CA ARG D 76 -11.65 6.17 -22.61
C ARG D 76 -10.69 5.87 -21.45
N HIS D 77 -10.79 4.69 -20.85
CA HIS D 77 -9.87 4.31 -19.74
C HIS D 77 -9.54 2.83 -19.84
N ARG D 78 -8.37 2.44 -19.33
CA ARG D 78 -8.07 1.03 -19.13
C ARG D 78 -8.95 0.51 -17.99
N VAL D 79 -9.44 -0.70 -18.16
CA VAL D 79 -10.09 -1.38 -17.04
C VAL D 79 -9.19 -1.38 -15.80
N SER D 80 -7.89 -1.66 -16.01
CA SER D 80 -6.95 -1.70 -14.88
C SER D 80 -6.85 -0.35 -14.15
N ALA D 81 -6.97 0.75 -14.88
CA ALA D 81 -6.92 2.07 -14.20
C ALA D 81 -8.16 2.27 -13.32
N ILE D 82 -9.35 2.01 -13.88
CA ILE D 82 -10.56 2.08 -13.09
C ILE D 82 -10.46 1.17 -11.85
N ASN D 83 -9.96 -0.04 -12.06
CA ASN D 83 -9.80 -0.99 -10.95
C ASN D 83 -8.79 -0.45 -9.92
N ASN D 84 -7.67 0.09 -10.37
CA ASN D 84 -6.69 0.64 -9.44
C ASN D 84 -7.27 1.78 -8.57
N TYR D 85 -8.08 2.63 -9.17
CA TYR D 85 -8.73 3.68 -8.44
C TYR D 85 -9.72 3.08 -7.43
N ALA D 86 -10.60 2.21 -7.90
CA ALA D 86 -11.69 1.64 -7.05
C ALA D 86 -11.10 0.81 -5.89
N GLN D 87 -10.04 0.05 -6.19
CA GLN D 87 -9.44 -0.82 -5.19
C GLN D 87 -8.80 -0.10 -4.02
N LYS D 88 -8.27 1.09 -4.25
CA LYS D 88 -7.64 1.79 -3.12
C LYS D 88 -8.63 2.56 -2.23
N LEU D 89 -9.90 2.59 -2.65
CA LEU D 89 -11.00 3.04 -1.80
C LEU D 89 -11.77 1.83 -1.21
N CYS D 90 -11.19 0.64 -1.38
CA CYS D 90 -11.77 -0.63 -0.94
C CYS D 90 -10.73 -1.59 -0.39
N THR D 91 -9.82 -1.14 0.46
CA THR D 91 -8.69 -2.03 0.82
C THR D 91 -9.11 -3.30 1.60
N PHE D 92 -10.31 -3.29 2.18
CA PHE D 92 -10.84 -4.45 2.91
C PHE D 92 -11.95 -5.24 2.19
N SER D 93 -12.86 -4.52 1.54
CA SER D 93 -14.08 -5.09 0.98
C SER D 93 -13.86 -5.74 -0.40
N PHE D 94 -14.78 -6.60 -0.84
CA PHE D 94 -14.63 -7.25 -2.14
C PHE D 94 -14.98 -6.31 -3.29
N LEU D 95 -14.34 -6.51 -4.44
CA LEU D 95 -14.60 -5.66 -5.59
C LEU D 95 -14.06 -6.27 -6.87
N ILE D 96 -14.94 -6.33 -7.84
CA ILE D 96 -14.63 -6.80 -9.19
C ILE D 96 -14.94 -5.65 -10.15
N CYS D 97 -13.94 -5.25 -10.93
CA CYS D 97 -14.16 -4.21 -11.92
C CYS D 97 -13.91 -4.80 -13.30
N LYS D 98 -14.85 -4.59 -14.21
CA LYS D 98 -14.81 -5.12 -15.60
C LYS D 98 -15.22 -4.09 -16.64
N GLY D 99 -14.67 -4.14 -17.85
CA GLY D 99 -15.16 -3.25 -18.88
C GLY D 99 -16.42 -3.86 -19.47
N VAL D 100 -17.25 -3.02 -20.06
CA VAL D 100 -18.53 -3.48 -20.61
C VAL D 100 -18.50 -3.34 -22.12
N ASN D 101 -18.62 -4.47 -22.81
CA ASN D 101 -18.68 -4.47 -24.28
C ASN D 101 -20.07 -4.18 -24.84
N LYS D 102 -21.08 -4.75 -24.19
CA LYS D 102 -22.47 -4.63 -24.64
C LYS D 102 -23.16 -3.66 -23.70
N GLU D 103 -23.14 -2.38 -24.05
CA GLU D 103 -23.49 -1.30 -23.13
C GLU D 103 -24.98 -1.18 -22.79
N TYR D 104 -25.81 -0.84 -23.79
CA TYR D 104 -27.26 -0.80 -23.61
C TYR D 104 -27.76 -2.14 -23.06
N LEU D 105 -27.32 -3.24 -23.68
CA LEU D 105 -27.67 -4.61 -23.28
C LEU D 105 -27.34 -4.97 -21.83
N MET D 106 -26.35 -4.28 -21.25
CA MET D 106 -25.94 -4.49 -19.86
C MET D 106 -26.81 -3.66 -18.91
N TYR D 107 -27.05 -2.41 -19.30
CA TYR D 107 -27.89 -1.50 -18.53
C TYR D 107 -29.33 -2.01 -18.48
N SER D 108 -29.85 -2.41 -19.65
CA SER D 108 -31.21 -2.97 -19.77
C SER D 108 -31.41 -4.20 -18.88
N ALA D 109 -30.50 -5.18 -19.00
CA ALA D 109 -30.50 -6.35 -18.11
C ALA D 109 -30.46 -5.98 -16.62
N LEU D 110 -29.64 -5.00 -16.26
CA LEU D 110 -29.55 -4.52 -14.87
C LEU D 110 -30.79 -3.74 -14.39
N THR D 111 -31.71 -3.45 -15.33
CA THR D 111 -32.97 -2.77 -15.01
C THR D 111 -34.13 -3.76 -14.84
N ARG D 112 -33.92 -4.99 -15.32
CA ARG D 112 -34.90 -6.09 -15.20
C ARG D 112 -34.46 -7.13 -14.16
N ASP D 113 -35.42 -7.92 -13.68
CA ASP D 113 -35.14 -8.91 -12.62
C ASP D 113 -34.08 -9.90 -13.10
N PRO D 114 -33.25 -10.45 -12.18
CA PRO D 114 -33.13 -10.22 -10.72
C PRO D 114 -32.60 -8.84 -10.28
N PHE D 115 -32.28 -7.99 -11.22
CA PHE D 115 -31.63 -6.73 -10.88
C PHE D 115 -32.61 -5.57 -10.79
N SER D 116 -32.29 -4.62 -9.92
CA SER D 116 -33.13 -3.47 -9.74
C SER D 116 -32.32 -2.21 -9.56
N VAL D 117 -32.79 -1.14 -10.21
CA VAL D 117 -32.21 0.19 -10.09
C VAL D 117 -32.42 0.80 -8.69
N ILE D 118 -31.31 1.09 -8.02
CA ILE D 118 -31.33 1.85 -6.78
C ILE D 118 -31.34 3.34 -7.12
N GLU D 119 -30.55 3.72 -8.13
CA GLU D 119 -30.35 5.14 -8.46
C GLU D 119 -29.65 5.30 -9.81
N GLU D 120 -29.93 6.41 -10.48
CA GLU D 120 -29.33 6.75 -11.77
C GLU D 120 -29.10 8.24 -11.82
N SER D 121 -28.02 8.63 -12.50
CA SER D 121 -27.64 10.04 -12.65
C SER D 121 -28.62 10.81 -13.57
N LEU D 122 -29.32 10.06 -14.40
CA LEU D 122 -30.39 10.61 -15.24
C LEU D 122 -31.67 9.76 -15.06
N PRO D 123 -32.73 10.37 -14.47
CA PRO D 123 -34.06 9.79 -14.23
C PRO D 123 -34.53 8.65 -15.17
#